data_6TR2
#
_entry.id   6TR2
#
_entity_poly.entity_id   1
_entity_poly.type   'polydeoxyribonucleotide'
_entity_poly.pdbx_seq_one_letter_code
;(DT)(DA)(DG)(DG)(DG)(DT)(DT)(DA)(DG)(DG)(DG)(DT)(DT)(DA)(DG)(DG)(DG)(DT)(DT)(DA)
(DG)(DG)(DG)
;
_entity_poly.pdbx_strand_id   A
#